data_2RL2
#
_entry.id   2RL2
#
_cell.length_a   63.694
_cell.length_b   124.463
_cell.length_c   126.276
_cell.angle_alpha   90.00
_cell.angle_beta   90.00
_cell.angle_gamma   90.00
#
_symmetry.space_group_name_H-M   'I 2 2 2'
#
loop_
_entity.id
_entity.type
_entity.pdbx_description
1 polymer 'UDP-N-acetylglucosamine 1-carboxyvinyltransferase'
2 non-polymer 'SULFATE ION'
3 non-polymer '[(1S,2S)-1,2-DIHYDROXYPROPYL]PHOSPHONIC ACID'
4 non-polymer URIDINE-DIPHOSPHATE-N-ACETYLGLUCOSAMINE
5 water water
#
_entity_poly.entity_id   1
_entity_poly.type   'polypeptide(L)'
_entity_poly.pdbx_seq_one_letter_code
;MDKFRVYGQSRLSGSVNISGAKNAALPILFAAILATEPVKLTNVPELKDIETTLKILRQLGVVVDRDATGAVLLDASNIN
HFTAPYELVKTMRASIWALAPLVARFHQGQVSLPGGCSIGARPVDLHISGLEKLGADIVLEEGYVKAQVSDRLVGTRIVI
EKVSVGATLSIMMAATLAKGTTVIENAAREPEIVDTADFLNKMGAKITGAGSAHITIEGVERLTGCEHSVVPDRIETGTF
LIAAAISGGCVVCQNTKADTLDAVIDKLREAGAQVDVTENSITLDMLGNRPKAVNIRTAPHPGFPTDMQAQFTLLNMVAE
GTSIITETIFENRFMHIPELIRMGGKAEIEGNTAVCHGVEQLSGTEVIATDLRASISLVLAGCIATGETIVDRIYHIDRG
YEHIEDKLRGLGAKIERFSGSDEA
;
_entity_poly.pdbx_strand_id   A
#
# COMPACT_ATOMS: atom_id res chain seq x y z
N MET A 1 8.49 8.23 21.09
CA MET A 1 9.37 7.99 19.91
C MET A 1 10.11 6.66 20.08
N ASP A 2 9.49 5.58 19.62
CA ASP A 2 10.10 4.26 19.71
C ASP A 2 11.18 4.05 18.66
N LYS A 3 12.04 3.08 18.92
CA LYS A 3 13.10 2.73 18.00
C LYS A 3 13.44 1.26 18.22
N PHE A 4 13.83 0.57 17.15
CA PHE A 4 14.15 -0.85 17.25
C PHE A 4 15.64 -1.09 17.46
N ARG A 5 15.96 -2.07 18.29
CA ARG A 5 17.35 -2.45 18.49
C ARG A 5 17.36 -3.81 17.82
N VAL A 6 18.20 -3.97 16.81
CA VAL A 6 18.26 -5.22 16.09
C VAL A 6 19.66 -5.84 16.13
N TYR A 7 19.73 -7.11 16.51
CA TYR A 7 21.01 -7.79 16.58
C TYR A 7 21.26 -8.52 15.27
N GLY A 8 22.34 -8.14 14.61
CA GLY A 8 22.69 -8.70 13.33
C GLY A 8 23.33 -10.07 13.24
N GLN A 9 23.68 -10.44 12.01
CA GLN A 9 24.30 -11.72 11.70
C GLN A 9 23.28 -12.80 12.01
N SER A 10 22.29 -12.91 11.14
CA SER A 10 21.24 -13.89 11.32
C SER A 10 20.71 -14.36 9.98
N ARG A 11 20.22 -15.60 9.96
CA ARG A 11 19.64 -16.18 8.76
C ARG A 11 18.14 -16.20 9.08
N LEU A 12 17.34 -15.58 8.24
CA LEU A 12 15.89 -15.54 8.47
C LEU A 12 15.20 -16.67 7.72
N SER A 13 14.65 -17.61 8.48
CA SER A 13 13.97 -18.76 7.91
C SER A 13 12.75 -19.12 8.73
N GLY A 14 11.77 -19.75 8.09
CA GLY A 14 10.58 -20.13 8.82
C GLY A 14 9.30 -19.79 8.08
N SER A 15 8.21 -19.75 8.83
CA SER A 15 6.90 -19.45 8.27
C SER A 15 6.36 -18.13 8.82
N VAL A 16 5.60 -17.43 7.99
CA VAL A 16 5.02 -16.18 8.40
C VAL A 16 3.67 -16.02 7.71
N ASN A 17 2.69 -15.59 8.48
CA ASN A 17 1.35 -15.38 7.95
C ASN A 17 1.23 -13.99 7.32
N ILE A 18 0.66 -13.94 6.12
CA ILE A 18 0.47 -12.67 5.41
C ILE A 18 -0.92 -12.11 5.70
N SER A 19 -0.97 -10.85 6.10
CA SER A 19 -2.23 -10.19 6.40
C SER A 19 -2.85 -9.57 5.16
N GLY A 20 -4.05 -9.02 5.33
CA GLY A 20 -4.73 -8.36 4.23
C GLY A 20 -3.94 -7.11 3.86
N ALA A 21 -4.12 -6.67 2.63
CA ALA A 21 -3.41 -5.49 2.11
C ALA A 21 -3.91 -4.14 2.62
N LYS A 22 -2.99 -3.34 3.16
CA LYS A 22 -3.32 -2.02 3.65
C LYS A 22 -3.96 -1.22 2.53
N ASN A 23 -3.36 -1.31 1.34
CA ASN A 23 -3.86 -0.56 0.19
C ASN A 23 -5.13 -1.10 -0.45
N ALA A 24 -5.74 -2.09 0.20
CA ALA A 24 -7.01 -2.64 -0.27
C ALA A 24 -8.01 -2.30 0.83
N ALA A 25 -7.62 -2.56 2.07
CA ALA A 25 -8.48 -2.28 3.22
C ALA A 25 -8.84 -0.80 3.28
N LEU A 26 -7.86 0.07 3.04
CA LEU A 26 -8.12 1.51 3.09
C LEU A 26 -9.19 1.95 2.09
N PRO A 27 -8.97 1.73 0.78
CA PRO A 27 -10.01 2.14 -0.17
C PRO A 27 -11.36 1.45 0.07
N ILE A 28 -11.32 0.19 0.51
CA ILE A 28 -12.56 -0.52 0.77
C ILE A 28 -13.30 0.12 1.94
N LEU A 29 -12.56 0.54 2.96
CA LEU A 29 -13.15 1.19 4.12
C LEU A 29 -13.85 2.48 3.74
N PHE A 30 -13.22 3.27 2.86
CA PHE A 30 -13.84 4.52 2.45
C PHE A 30 -15.00 4.22 1.50
N ALA A 31 -14.86 3.16 0.71
CA ALA A 31 -15.92 2.79 -0.22
C ALA A 31 -17.17 2.36 0.53
N ALA A 32 -17.00 1.89 1.76
CA ALA A 32 -18.11 1.45 2.59
C ALA A 32 -19.06 2.60 2.89
N ILE A 33 -18.64 3.82 2.57
CA ILE A 33 -19.46 5.00 2.80
C ILE A 33 -20.71 4.91 1.91
N LEU A 34 -20.60 4.11 0.86
CA LEU A 34 -21.71 3.90 -0.07
C LEU A 34 -22.71 2.86 0.42
N ALA A 35 -22.30 2.05 1.40
CA ALA A 35 -23.17 0.98 1.91
C ALA A 35 -24.37 1.45 2.72
N THR A 36 -25.56 1.00 2.33
CA THR A 36 -26.79 1.34 3.04
C THR A 36 -27.10 0.25 4.06
N GLU A 37 -26.49 -0.93 3.85
CA GLU A 37 -26.68 -2.08 4.74
C GLU A 37 -25.35 -2.48 5.39
N PRO A 38 -25.40 -3.22 6.51
CA PRO A 38 -24.23 -3.68 7.26
C PRO A 38 -23.07 -4.26 6.43
N VAL A 39 -21.85 -3.94 6.84
CA VAL A 39 -20.66 -4.42 6.16
C VAL A 39 -19.74 -5.13 7.17
N LYS A 40 -19.18 -6.26 6.76
CA LYS A 40 -18.29 -7.04 7.61
C LYS A 40 -16.97 -7.32 6.87
N LEU A 41 -15.87 -6.82 7.41
CA LEU A 41 -14.57 -7.02 6.77
C LEU A 41 -13.65 -7.90 7.58
N THR A 42 -13.01 -8.85 6.90
CA THR A 42 -12.09 -9.75 7.56
C THR A 42 -10.73 -9.64 6.89
N ASN A 43 -9.71 -10.18 7.54
CA ASN A 43 -8.35 -10.10 7.05
C ASN A 43 -7.89 -8.65 6.93
N VAL A 44 -8.37 -7.82 7.85
CA VAL A 44 -8.02 -6.40 7.89
C VAL A 44 -6.90 -6.24 8.91
N PRO A 45 -5.69 -5.88 8.45
CA PRO A 45 -4.55 -5.71 9.36
C PRO A 45 -4.73 -4.57 10.37
N GLU A 46 -4.10 -4.72 11.53
CA GLU A 46 -4.15 -3.70 12.57
C GLU A 46 -3.02 -2.72 12.29
N LEU A 47 -3.36 -1.61 11.65
CA LEU A 47 -2.37 -0.60 11.29
C LEU A 47 -2.88 0.78 11.67
N LYS A 48 -1.96 1.68 11.97
CA LYS A 48 -2.28 3.05 12.33
C LYS A 48 -3.28 3.65 11.33
N ASP A 49 -2.98 3.50 10.03
CA ASP A 49 -3.85 4.05 9.01
C ASP A 49 -5.27 3.50 9.03
N ILE A 50 -5.44 2.24 9.44
CA ILE A 50 -6.77 1.67 9.53
C ILE A 50 -7.49 2.37 10.69
N GLU A 51 -6.81 2.54 11.80
CA GLU A 51 -7.40 3.21 12.96
C GLU A 51 -7.82 4.63 12.62
N THR A 52 -6.93 5.37 11.98
CA THR A 52 -7.23 6.75 11.59
C THR A 52 -8.46 6.76 10.66
N THR A 53 -8.54 5.78 9.77
CA THR A 53 -9.67 5.71 8.85
C THR A 53 -10.97 5.50 9.64
N LEU A 54 -10.93 4.60 10.60
CA LEU A 54 -12.10 4.33 11.44
C LEU A 54 -12.56 5.63 12.13
N LYS A 55 -11.61 6.39 12.65
CA LYS A 55 -11.93 7.66 13.30
C LYS A 55 -12.64 8.62 12.35
N ILE A 56 -12.15 8.67 11.11
CA ILE A 56 -12.75 9.54 10.10
C ILE A 56 -14.18 9.10 9.83
N LEU A 57 -14.38 7.80 9.72
CA LEU A 57 -15.70 7.23 9.47
C LEU A 57 -16.68 7.54 10.60
N ARG A 58 -16.29 7.23 11.85
CA ARG A 58 -17.16 7.48 12.99
C ARG A 58 -17.56 8.94 13.01
N GLN A 59 -16.60 9.80 12.68
CA GLN A 59 -16.80 11.23 12.65
C GLN A 59 -17.82 11.65 11.57
N LEU A 60 -18.08 10.78 10.59
CA LEU A 60 -19.05 11.06 9.54
C LEU A 60 -20.44 10.54 9.95
N GLY A 61 -20.47 9.73 11.00
CA GLY A 61 -21.72 9.16 11.47
C GLY A 61 -21.76 7.65 11.30
N VAL A 62 -20.69 7.09 10.73
CA VAL A 62 -20.59 5.65 10.53
C VAL A 62 -20.34 4.94 11.87
N VAL A 63 -21.05 3.85 12.10
CA VAL A 63 -20.85 3.07 13.32
C VAL A 63 -19.94 1.92 12.88
N VAL A 64 -18.78 1.82 13.51
CA VAL A 64 -17.84 0.78 13.14
C VAL A 64 -16.93 0.40 14.29
N ASP A 65 -16.56 -0.88 14.36
CA ASP A 65 -15.69 -1.38 15.39
C ASP A 65 -15.15 -2.75 15.01
N ARG A 66 -14.00 -3.10 15.58
CA ARG A 66 -13.38 -4.38 15.33
C ARG A 66 -13.80 -5.25 16.52
N ASP A 67 -14.26 -6.47 16.28
CA ASP A 67 -14.66 -7.32 17.40
C ASP A 67 -13.53 -8.27 17.81
N ALA A 68 -13.83 -9.15 18.77
CA ALA A 68 -12.86 -10.12 19.29
C ALA A 68 -12.29 -11.08 18.25
N THR A 69 -12.99 -11.23 17.13
CA THR A 69 -12.50 -12.12 16.07
C THR A 69 -11.53 -11.35 15.17
N GLY A 70 -11.51 -10.04 15.30
CA GLY A 70 -10.64 -9.24 14.48
C GLY A 70 -11.38 -8.64 13.29
N ALA A 71 -12.57 -9.15 13.02
CA ALA A 71 -13.36 -8.65 11.91
C ALA A 71 -13.80 -7.21 12.21
N VAL A 72 -14.03 -6.43 11.15
CA VAL A 72 -14.46 -5.04 11.32
C VAL A 72 -15.90 -4.90 10.88
N LEU A 73 -16.78 -4.58 11.83
CA LEU A 73 -18.20 -4.44 11.54
C LEU A 73 -18.50 -2.97 11.29
N LEU A 74 -19.15 -2.68 10.18
CA LEU A 74 -19.41 -1.30 9.81
C LEU A 74 -20.85 -1.03 9.34
N ASP A 75 -21.45 0.01 9.91
CA ASP A 75 -22.82 0.40 9.57
C ASP A 75 -22.80 1.86 9.13
N ALA A 76 -23.01 2.10 7.85
CA ALA A 76 -23.00 3.45 7.30
C ALA A 76 -24.41 3.91 6.93
N SER A 77 -25.41 3.35 7.59
CA SER A 77 -26.79 3.70 7.30
C SER A 77 -27.17 5.13 7.70
N ASN A 78 -26.58 5.64 8.78
CA ASN A 78 -26.92 7.00 9.23
C ASN A 78 -25.83 8.06 9.19
N ILE A 79 -25.10 8.15 8.07
CA ILE A 79 -24.08 9.16 7.93
C ILE A 79 -24.80 10.50 7.88
N ASN A 80 -24.46 11.39 8.80
CA ASN A 80 -25.10 12.70 8.88
C ASN A 80 -24.10 13.85 8.86
N HIS A 81 -22.84 13.52 8.64
CA HIS A 81 -21.80 14.53 8.56
C HIS A 81 -21.03 14.24 7.27
N PHE A 82 -20.63 15.27 6.55
CA PHE A 82 -19.97 15.06 5.26
C PHE A 82 -18.62 15.72 5.09
N THR A 83 -17.87 15.81 6.19
CA THR A 83 -16.56 16.43 6.15
C THR A 83 -15.48 15.60 6.82
N ALA A 84 -14.44 15.29 6.06
CA ALA A 84 -13.30 14.55 6.59
C ALA A 84 -12.41 15.69 7.08
N PRO A 85 -12.42 15.96 8.39
CA PRO A 85 -11.63 17.04 9.01
C PRO A 85 -10.12 17.00 8.80
N TYR A 86 -9.55 18.20 8.61
CA TYR A 86 -8.13 18.37 8.42
C TYR A 86 -7.33 17.78 9.58
N GLU A 87 -7.84 17.96 10.79
CA GLU A 87 -7.18 17.43 11.98
C GLU A 87 -6.78 15.97 11.79
N LEU A 88 -7.65 15.19 11.14
CA LEU A 88 -7.38 13.77 10.89
C LEU A 88 -6.75 13.53 9.52
N VAL A 89 -7.32 14.14 8.49
CA VAL A 89 -6.82 13.97 7.13
C VAL A 89 -5.35 14.37 6.93
N LYS A 90 -4.86 15.31 7.73
CA LYS A 90 -3.49 15.75 7.59
C LYS A 90 -2.51 14.64 7.94
N THR A 91 -3.01 13.59 8.62
CA THR A 91 -2.16 12.48 9.01
C THR A 91 -2.31 11.28 8.08
N MET A 92 -3.11 11.42 7.03
CA MET A 92 -3.29 10.32 6.10
C MET A 92 -3.89 10.78 4.78
N ARG A 93 -3.03 11.02 3.80
CA ARG A 93 -3.45 11.48 2.49
C ARG A 93 -4.44 10.54 1.80
N ALA A 94 -4.47 9.28 2.20
CA ALA A 94 -5.39 8.33 1.58
C ALA A 94 -6.86 8.67 1.86
N SER A 95 -7.11 9.46 2.89
CA SER A 95 -8.48 9.85 3.24
C SER A 95 -9.14 10.68 2.14
N ILE A 96 -8.37 10.99 1.10
CA ILE A 96 -8.89 11.74 -0.02
C ILE A 96 -10.00 10.90 -0.64
N TRP A 97 -9.95 9.59 -0.39
CA TRP A 97 -10.94 8.65 -0.91
C TRP A 97 -12.32 8.83 -0.27
N ALA A 98 -12.43 9.71 0.72
CA ALA A 98 -13.70 9.94 1.37
C ALA A 98 -14.62 10.80 0.51
N LEU A 99 -14.02 11.66 -0.31
CA LEU A 99 -14.75 12.59 -1.17
C LEU A 99 -15.67 11.96 -2.22
N ALA A 100 -15.13 11.03 -3.00
CA ALA A 100 -15.90 10.37 -4.05
C ALA A 100 -17.22 9.74 -3.56
N PRO A 101 -17.16 8.85 -2.54
CA PRO A 101 -18.36 8.22 -2.02
C PRO A 101 -19.38 9.22 -1.48
N LEU A 102 -18.92 10.15 -0.64
CA LEU A 102 -19.79 11.15 -0.07
C LEU A 102 -20.56 11.95 -1.12
N VAL A 103 -19.88 12.42 -2.17
CA VAL A 103 -20.55 13.20 -3.21
C VAL A 103 -21.52 12.31 -3.98
N ALA A 104 -21.05 11.11 -4.33
CA ALA A 104 -21.87 10.17 -5.09
C ALA A 104 -23.19 9.85 -4.40
N ARG A 105 -23.12 9.47 -3.12
CA ARG A 105 -24.30 9.10 -2.36
C ARG A 105 -25.09 10.24 -1.74
N PHE A 106 -24.38 11.23 -1.18
CA PHE A 106 -25.04 12.33 -0.53
C PHE A 106 -25.06 13.64 -1.31
N HIS A 107 -24.35 13.66 -2.43
CA HIS A 107 -24.27 14.82 -3.31
C HIS A 107 -23.50 16.00 -2.75
N GLN A 108 -22.66 15.72 -1.76
CA GLN A 108 -21.82 16.75 -1.16
C GLN A 108 -20.75 16.10 -0.31
N GLY A 109 -19.59 16.73 -0.25
CA GLY A 109 -18.51 16.20 0.52
C GLY A 109 -17.39 17.21 0.64
N GLN A 110 -16.56 17.04 1.67
CA GLN A 110 -15.45 17.92 1.92
C GLN A 110 -14.26 17.16 2.46
N VAL A 111 -13.09 17.37 1.85
CA VAL A 111 -11.87 16.75 2.31
C VAL A 111 -10.77 17.77 2.09
N SER A 112 -9.89 17.91 3.07
CA SER A 112 -8.80 18.87 2.96
C SER A 112 -7.75 18.43 1.95
N LEU A 113 -7.24 19.39 1.19
CA LEU A 113 -6.21 19.14 0.19
C LEU A 113 -4.98 18.57 0.87
N PRO A 114 -4.21 17.76 0.13
CA PRO A 114 -2.98 17.13 0.65
C PRO A 114 -1.85 18.10 0.93
N GLY A 115 -0.95 17.71 1.83
CA GLY A 115 0.19 18.55 2.18
C GLY A 115 1.43 18.04 1.47
N GLY A 116 2.59 18.56 1.86
CA GLY A 116 3.83 18.11 1.24
C GLY A 116 4.21 16.72 1.71
N CYS A 117 4.87 15.96 0.84
CA CYS A 117 5.30 14.59 1.15
C CYS A 117 6.78 14.41 0.84
N SER A 118 7.49 13.71 1.72
CA SER A 118 8.94 13.50 1.56
C SER A 118 9.37 12.64 0.37
N ILE A 119 8.57 11.68 -0.06
CA ILE A 119 8.98 10.86 -1.20
C ILE A 119 8.68 11.51 -2.55
N GLY A 120 7.80 12.51 -2.56
CA GLY A 120 7.46 13.19 -3.80
C GLY A 120 6.15 13.97 -3.77
N ALA A 121 5.81 14.57 -4.91
CA ALA A 121 4.57 15.33 -5.00
C ALA A 121 3.38 14.37 -4.99
N ARG A 122 2.35 14.71 -4.24
CA ARG A 122 1.17 13.85 -4.15
C ARG A 122 -0.12 14.65 -4.38
N PRO A 123 -0.21 15.39 -5.49
CA PRO A 123 -1.43 16.17 -5.76
C PRO A 123 -2.61 15.25 -6.02
N VAL A 124 -3.82 15.79 -5.95
CA VAL A 124 -5.04 15.00 -6.18
C VAL A 124 -5.84 15.58 -7.33
N ASP A 125 -5.15 16.30 -8.21
CA ASP A 125 -5.78 16.93 -9.37
C ASP A 125 -6.57 15.96 -10.24
N LEU A 126 -6.08 14.73 -10.39
CA LEU A 126 -6.77 13.73 -11.21
C LEU A 126 -8.04 13.25 -10.52
N HIS A 127 -8.05 13.29 -9.19
CA HIS A 127 -9.22 12.89 -8.41
C HIS A 127 -10.30 13.93 -8.65
N ILE A 128 -9.95 15.19 -8.43
CA ILE A 128 -10.88 16.30 -8.60
C ILE A 128 -11.42 16.36 -10.02
N SER A 129 -10.51 16.23 -10.99
CA SER A 129 -10.87 16.27 -12.39
C SER A 129 -11.86 15.17 -12.75
N GLY A 130 -11.57 13.95 -12.33
CA GLY A 130 -12.45 12.83 -12.62
C GLY A 130 -13.86 13.03 -12.07
N LEU A 131 -13.94 13.58 -10.86
CA LEU A 131 -15.22 13.83 -10.22
C LEU A 131 -16.00 14.91 -10.97
N GLU A 132 -15.30 15.94 -11.45
CA GLU A 132 -15.94 17.02 -12.19
C GLU A 132 -16.53 16.47 -13.51
N LYS A 133 -15.79 15.59 -14.17
CA LYS A 133 -16.26 14.99 -15.42
C LYS A 133 -17.58 14.28 -15.15
N LEU A 134 -17.68 13.67 -13.98
CA LEU A 134 -18.89 12.95 -13.60
C LEU A 134 -20.02 13.90 -13.25
N GLY A 135 -19.74 15.20 -13.30
CA GLY A 135 -20.77 16.18 -13.01
C GLY A 135 -20.67 16.92 -11.68
N ALA A 136 -19.68 16.57 -10.88
CA ALA A 136 -19.50 17.21 -9.58
C ALA A 136 -18.96 18.63 -9.71
N ASP A 137 -19.53 19.55 -8.94
CA ASP A 137 -19.09 20.94 -8.92
C ASP A 137 -18.08 20.99 -7.77
N ILE A 138 -16.86 21.40 -8.05
CA ILE A 138 -15.84 21.45 -7.00
C ILE A 138 -15.25 22.83 -6.79
N VAL A 139 -15.16 23.24 -5.53
CA VAL A 139 -14.56 24.51 -5.21
C VAL A 139 -13.50 24.26 -4.16
N LEU A 140 -12.41 25.00 -4.24
CA LEU A 140 -11.35 24.85 -3.27
C LEU A 140 -11.37 26.09 -2.41
N GLU A 141 -11.75 25.92 -1.15
CA GLU A 141 -11.81 27.03 -0.21
C GLU A 141 -11.40 26.60 1.18
N GLU A 142 -10.55 27.40 1.81
CA GLU A 142 -10.08 27.12 3.16
C GLU A 142 -9.31 25.82 3.33
N GLY A 143 -8.57 25.44 2.30
CA GLY A 143 -7.78 24.22 2.36
C GLY A 143 -8.61 22.97 2.14
N TYR A 144 -9.87 23.15 1.77
CA TYR A 144 -10.74 22.01 1.54
C TYR A 144 -11.17 21.86 0.09
N VAL A 145 -11.38 20.61 -0.32
CA VAL A 145 -11.89 20.34 -1.64
C VAL A 145 -13.36 20.11 -1.34
N LYS A 146 -14.21 21.01 -1.81
CA LYS A 146 -15.64 20.89 -1.56
C LYS A 146 -16.38 20.54 -2.82
N ALA A 147 -16.94 19.33 -2.83
CA ALA A 147 -17.69 18.83 -3.96
C ALA A 147 -19.18 18.94 -3.69
N GLN A 148 -19.95 19.11 -4.76
CA GLN A 148 -21.40 19.22 -4.63
C GLN A 148 -22.02 19.01 -6.00
N VAL A 149 -23.13 18.30 -6.02
CA VAL A 149 -23.86 18.04 -7.25
C VAL A 149 -25.36 18.13 -6.93
N SER A 150 -26.06 19.02 -7.63
CA SER A 150 -27.48 19.23 -7.43
C SER A 150 -28.34 17.99 -7.70
N ASP A 151 -27.73 17.00 -8.34
CA ASP A 151 -28.45 15.77 -8.64
C ASP A 151 -27.47 14.60 -8.73
N ARG A 152 -28.01 13.41 -8.99
CA ARG A 152 -27.19 12.21 -9.11
C ARG A 152 -26.10 12.44 -10.16
N LEU A 153 -24.90 11.93 -9.91
CA LEU A 153 -23.76 12.07 -10.84
C LEU A 153 -24.12 11.48 -12.21
N VAL A 154 -23.37 11.85 -13.24
CA VAL A 154 -23.62 11.36 -14.60
C VAL A 154 -22.46 10.63 -15.27
N GLY A 155 -22.66 9.35 -15.55
CA GLY A 155 -21.63 8.55 -16.19
C GLY A 155 -21.11 9.16 -17.47
N THR A 156 -19.85 8.87 -17.78
CA THR A 156 -19.19 9.36 -18.99
C THR A 156 -17.84 8.69 -19.14
N ARG A 157 -17.17 8.90 -20.26
CA ARG A 157 -15.85 8.30 -20.47
C ARG A 157 -14.79 9.25 -19.93
N ILE A 158 -13.92 8.73 -19.09
CA ILE A 158 -12.86 9.54 -18.51
C ILE A 158 -11.52 8.92 -18.87
N VAL A 159 -10.64 9.70 -19.48
CA VAL A 159 -9.34 9.19 -19.84
C VAL A 159 -8.33 9.83 -18.90
N ILE A 160 -7.91 9.08 -17.89
CA ILE A 160 -6.95 9.61 -16.93
C ILE A 160 -5.61 9.90 -17.59
N GLU A 161 -5.17 11.13 -17.44
CA GLU A 161 -3.92 11.63 -18.03
C GLU A 161 -2.74 10.69 -17.79
N LYS A 162 -2.67 10.10 -16.61
CA LYS A 162 -1.60 9.16 -16.32
C LYS A 162 -2.12 8.05 -15.42
N VAL A 163 -1.32 7.00 -15.28
CA VAL A 163 -1.71 5.88 -14.45
C VAL A 163 -1.70 6.25 -12.97
N SER A 164 -2.89 6.33 -12.39
CA SER A 164 -3.02 6.68 -10.98
C SER A 164 -3.92 5.70 -10.22
N VAL A 165 -3.35 5.05 -9.21
CA VAL A 165 -4.10 4.11 -8.39
C VAL A 165 -5.16 4.87 -7.61
N GLY A 166 -4.77 6.00 -7.02
CA GLY A 166 -5.70 6.79 -6.23
C GLY A 166 -6.87 7.34 -7.02
N ALA A 167 -6.59 8.04 -8.11
CA ALA A 167 -7.65 8.63 -8.93
C ALA A 167 -8.53 7.55 -9.58
N THR A 168 -7.93 6.41 -9.94
CA THR A 168 -8.70 5.32 -10.55
C THR A 168 -9.73 4.84 -9.54
N LEU A 169 -9.31 4.70 -8.30
CA LEU A 169 -10.20 4.25 -7.22
C LEU A 169 -11.30 5.26 -6.91
N SER A 170 -10.93 6.55 -6.82
CA SER A 170 -11.90 7.59 -6.54
C SER A 170 -13.01 7.62 -7.59
N ILE A 171 -12.61 7.66 -8.85
CA ILE A 171 -13.57 7.70 -9.95
C ILE A 171 -14.41 6.44 -10.01
N MET A 172 -13.78 5.28 -9.81
CA MET A 172 -14.54 4.03 -9.84
C MET A 172 -15.62 4.06 -8.76
N MET A 173 -15.25 4.51 -7.56
CA MET A 173 -16.19 4.59 -6.44
C MET A 173 -17.41 5.46 -6.76
N ALA A 174 -17.16 6.67 -7.26
CA ALA A 174 -18.25 7.60 -7.58
C ALA A 174 -19.10 7.11 -8.74
N ALA A 175 -18.47 6.42 -9.68
CA ALA A 175 -19.17 5.92 -10.84
C ALA A 175 -20.29 4.95 -10.45
N THR A 176 -20.07 4.20 -9.38
CA THR A 176 -21.05 3.21 -8.92
C THR A 176 -22.48 3.72 -8.76
N LEU A 177 -22.64 4.98 -8.36
CA LEU A 177 -23.98 5.54 -8.17
C LEU A 177 -24.33 6.64 -9.17
N ALA A 178 -23.55 6.74 -10.24
CA ALA A 178 -23.82 7.76 -11.24
C ALA A 178 -24.91 7.26 -12.17
N LYS A 179 -25.56 8.17 -12.88
CA LYS A 179 -26.59 7.77 -13.81
C LYS A 179 -25.90 7.45 -15.13
N GLY A 180 -26.16 6.27 -15.67
CA GLY A 180 -25.57 5.89 -16.93
C GLY A 180 -24.34 5.01 -16.78
N THR A 181 -23.56 4.91 -17.83
CA THR A 181 -22.37 4.09 -17.80
C THR A 181 -21.10 4.92 -17.84
N THR A 182 -20.15 4.55 -16.99
CA THR A 182 -18.88 5.24 -16.91
C THR A 182 -17.76 4.35 -17.43
N VAL A 183 -16.84 4.95 -18.18
CA VAL A 183 -15.68 4.23 -18.69
C VAL A 183 -14.42 4.93 -18.18
N ILE A 184 -13.61 4.18 -17.45
CA ILE A 184 -12.37 4.71 -16.93
C ILE A 184 -11.28 4.11 -17.81
N GLU A 185 -10.74 4.94 -18.69
CA GLU A 185 -9.70 4.50 -19.61
C GLU A 185 -8.32 4.90 -19.10
N ASN A 186 -7.35 4.02 -19.34
CA ASN A 186 -5.97 4.22 -18.90
C ASN A 186 -5.94 4.08 -17.38
N ALA A 187 -6.82 3.22 -16.87
CA ALA A 187 -6.91 2.98 -15.44
C ALA A 187 -5.72 2.20 -14.90
N ALA A 188 -5.44 2.36 -13.60
CA ALA A 188 -4.36 1.62 -12.96
C ALA A 188 -4.90 0.20 -12.82
N ARG A 189 -4.03 -0.80 -12.89
CA ARG A 189 -4.47 -2.19 -12.80
C ARG A 189 -4.18 -2.91 -11.47
N GLU A 190 -3.59 -2.21 -10.51
CA GLU A 190 -3.25 -2.81 -9.21
C GLU A 190 -4.30 -3.76 -8.64
N PRO A 191 -3.83 -4.85 -7.99
CA PRO A 191 -4.69 -5.87 -7.37
C PRO A 191 -5.66 -5.30 -6.33
N GLU A 192 -5.27 -4.21 -5.67
CA GLU A 192 -6.13 -3.59 -4.66
C GLU A 192 -7.36 -2.94 -5.31
N ILE A 193 -7.24 -2.52 -6.56
CA ILE A 193 -8.35 -1.91 -7.27
C ILE A 193 -9.35 -2.98 -7.66
N VAL A 194 -8.83 -4.15 -8.04
CA VAL A 194 -9.67 -5.29 -8.40
C VAL A 194 -10.48 -5.71 -7.19
N ASP A 195 -9.81 -5.83 -6.05
CA ASP A 195 -10.45 -6.24 -4.81
C ASP A 195 -11.53 -5.25 -4.36
N THR A 196 -11.23 -3.96 -4.48
CA THR A 196 -12.19 -2.93 -4.11
C THR A 196 -13.39 -3.05 -5.03
N ALA A 197 -13.10 -3.32 -6.31
CA ALA A 197 -14.15 -3.47 -7.31
C ALA A 197 -15.05 -4.66 -6.93
N ASP A 198 -14.44 -5.79 -6.59
CA ASP A 198 -15.22 -6.96 -6.21
C ASP A 198 -16.05 -6.66 -4.98
N PHE A 199 -15.47 -5.90 -4.04
CA PHE A 199 -16.18 -5.52 -2.83
C PHE A 199 -17.43 -4.77 -3.24
N LEU A 200 -17.26 -3.76 -4.09
CA LEU A 200 -18.39 -2.96 -4.54
C LEU A 200 -19.42 -3.80 -5.27
N ASN A 201 -18.97 -4.73 -6.09
CA ASN A 201 -19.90 -5.57 -6.82
C ASN A 201 -20.77 -6.36 -5.86
N LYS A 202 -20.16 -6.93 -4.82
CA LYS A 202 -20.92 -7.71 -3.84
C LYS A 202 -22.06 -6.91 -3.24
N MET A 203 -21.98 -5.57 -3.32
CA MET A 203 -23.02 -4.72 -2.78
C MET A 203 -23.94 -4.18 -3.88
N GLY A 204 -23.95 -4.83 -5.03
CA GLY A 204 -24.82 -4.40 -6.10
C GLY A 204 -24.18 -3.65 -7.24
N ALA A 205 -22.99 -3.11 -7.04
CA ALA A 205 -22.32 -2.37 -8.09
C ALA A 205 -22.16 -3.23 -9.35
N LYS A 206 -21.89 -2.59 -10.48
CA LYS A 206 -21.71 -3.29 -11.74
C LYS A 206 -20.42 -2.84 -12.41
N ILE A 207 -19.30 -3.38 -11.95
CA ILE A 207 -18.00 -2.99 -12.47
C ILE A 207 -17.31 -4.12 -13.19
N THR A 208 -16.80 -3.83 -14.38
CA THR A 208 -16.10 -4.83 -15.17
C THR A 208 -14.80 -4.24 -15.70
N GLY A 209 -13.81 -5.09 -15.95
CA GLY A 209 -12.53 -4.61 -16.47
C GLY A 209 -11.52 -4.21 -15.41
N ALA A 210 -11.92 -4.31 -14.14
CA ALA A 210 -11.01 -3.95 -13.05
C ALA A 210 -9.78 -4.84 -13.15
N GLY A 211 -8.60 -4.23 -13.14
CA GLY A 211 -7.38 -4.98 -13.25
C GLY A 211 -6.78 -4.74 -14.63
N SER A 212 -7.57 -4.10 -15.50
CA SER A 212 -7.10 -3.77 -16.84
C SER A 212 -7.17 -2.26 -16.96
N ALA A 213 -6.62 -1.73 -18.05
CA ALA A 213 -6.63 -0.30 -18.28
C ALA A 213 -7.99 0.18 -18.75
N HIS A 214 -8.97 -0.71 -18.80
CA HIS A 214 -10.32 -0.35 -19.24
C HIS A 214 -11.41 -0.82 -18.28
N ILE A 215 -11.88 0.09 -17.43
CA ILE A 215 -12.92 -0.25 -16.46
C ILE A 215 -14.27 0.32 -16.87
N THR A 216 -15.29 -0.53 -16.88
CA THR A 216 -16.63 -0.12 -17.25
C THR A 216 -17.54 -0.26 -16.04
N ILE A 217 -18.28 0.80 -15.73
CA ILE A 217 -19.19 0.79 -14.58
C ILE A 217 -20.59 1.24 -14.97
N GLU A 218 -21.59 0.42 -14.66
CA GLU A 218 -22.97 0.81 -14.94
C GLU A 218 -23.58 1.29 -13.63
N GLY A 219 -23.78 2.59 -13.51
CA GLY A 219 -24.33 3.17 -12.30
C GLY A 219 -25.65 2.56 -11.87
N VAL A 220 -25.90 2.58 -10.56
CA VAL A 220 -27.12 2.04 -9.98
C VAL A 220 -27.64 2.98 -8.91
N GLU A 221 -28.89 2.74 -8.47
CA GLU A 221 -29.52 3.56 -7.44
C GLU A 221 -28.68 3.65 -6.17
N ARG A 222 -28.43 2.52 -5.53
CA ARG A 222 -27.64 2.50 -4.30
C ARG A 222 -26.98 1.15 -4.07
N LEU A 223 -26.01 1.12 -3.15
CA LEU A 223 -25.32 -0.11 -2.82
C LEU A 223 -25.85 -0.61 -1.48
N THR A 224 -25.84 -1.92 -1.29
CA THR A 224 -26.35 -2.51 -0.06
C THR A 224 -25.27 -2.70 1.01
N GLY A 225 -24.77 -3.93 1.12
CA GLY A 225 -23.75 -4.25 2.10
C GLY A 225 -23.23 -5.64 1.80
N CYS A 226 -22.28 -6.13 2.59
CA CYS A 226 -21.75 -7.46 2.35
C CYS A 226 -20.66 -7.80 3.34
N GLU A 227 -20.10 -8.99 3.16
CA GLU A 227 -19.00 -9.46 3.97
C GLU A 227 -17.89 -9.64 2.96
N HIS A 228 -16.67 -9.25 3.32
CA HIS A 228 -15.56 -9.36 2.38
C HIS A 228 -14.23 -9.63 3.07
N SER A 229 -13.45 -10.54 2.50
CA SER A 229 -12.14 -10.86 3.03
C SER A 229 -11.15 -10.08 2.16
N VAL A 230 -10.37 -9.20 2.78
CA VAL A 230 -9.41 -8.38 2.06
C VAL A 230 -8.28 -9.20 1.43
N VAL A 231 -7.93 -8.82 0.20
CA VAL A 231 -6.89 -9.48 -0.57
C VAL A 231 -5.57 -9.51 0.22
N PRO A 232 -4.82 -10.62 0.11
CA PRO A 232 -3.54 -10.71 0.83
C PRO A 232 -2.63 -9.57 0.40
N ASP A 233 -1.75 -9.12 1.30
CA ASP A 233 -0.84 -8.02 0.98
C ASP A 233 0.37 -8.52 0.18
N ARG A 234 0.41 -8.18 -1.10
CA ARG A 234 1.51 -8.58 -1.98
C ARG A 234 2.83 -7.95 -1.59
N ILE A 235 2.77 -6.74 -1.04
CA ILE A 235 3.98 -6.02 -0.61
C ILE A 235 4.56 -6.64 0.65
N GLU A 236 3.71 -6.98 1.61
CA GLU A 236 4.17 -7.61 2.84
C GLU A 236 4.79 -8.95 2.43
N THR A 237 4.10 -9.67 1.56
CA THR A 237 4.55 -10.96 1.06
C THR A 237 5.92 -10.80 0.39
N GLY A 238 6.03 -9.80 -0.49
CA GLY A 238 7.30 -9.56 -1.16
C GLY A 238 8.40 -9.23 -0.16
N THR A 239 8.05 -8.49 0.89
CA THR A 239 9.02 -8.11 1.91
C THR A 239 9.61 -9.30 2.66
N PHE A 240 8.77 -10.23 3.10
CA PHE A 240 9.28 -11.40 3.81
C PHE A 240 10.04 -12.33 2.88
N LEU A 241 9.70 -12.34 1.60
CA LEU A 241 10.42 -13.16 0.64
C LEU A 241 11.84 -12.60 0.56
N ILE A 242 11.95 -11.28 0.63
CA ILE A 242 13.23 -10.59 0.59
C ILE A 242 14.03 -10.93 1.85
N ALA A 243 13.33 -11.06 2.98
CA ALA A 243 13.99 -11.41 4.23
C ALA A 243 14.83 -12.66 4.04
N ALA A 244 14.27 -13.67 3.37
CA ALA A 244 15.00 -14.91 3.12
C ALA A 244 16.09 -14.72 2.07
N ALA A 245 15.76 -14.03 0.98
CA ALA A 245 16.70 -13.81 -0.11
C ALA A 245 17.97 -13.04 0.27
N ILE A 246 17.87 -12.16 1.27
CA ILE A 246 19.04 -11.38 1.68
C ILE A 246 19.84 -12.03 2.79
N SER A 247 19.30 -13.08 3.39
CA SER A 247 19.98 -13.73 4.50
C SER A 247 20.36 -15.17 4.24
N GLY A 248 20.15 -15.64 3.02
CA GLY A 248 20.47 -17.03 2.70
C GLY A 248 19.47 -18.00 3.28
N GLY A 249 18.44 -17.49 3.94
CA GLY A 249 17.45 -18.35 4.55
C GLY A 249 16.38 -18.91 3.64
N CYS A 250 15.36 -19.50 4.25
CA CYS A 250 14.24 -20.09 3.53
C CYS A 250 12.95 -19.71 4.25
N VAL A 251 12.09 -18.98 3.56
CA VAL A 251 10.83 -18.54 4.19
C VAL A 251 9.60 -18.95 3.42
N VAL A 252 8.54 -19.26 4.17
CA VAL A 252 7.28 -19.67 3.59
C VAL A 252 6.19 -18.68 4.01
N CYS A 253 5.61 -17.99 3.03
CA CYS A 253 4.55 -17.02 3.30
C CYS A 253 3.21 -17.71 3.14
N GLN A 254 2.41 -17.69 4.20
CA GLN A 254 1.10 -18.33 4.20
C GLN A 254 -0.04 -17.38 3.89
N ASN A 255 -1.09 -17.92 3.26
CA ASN A 255 -2.28 -17.16 2.90
C ASN A 255 -1.96 -16.06 1.90
N THR A 256 -1.27 -16.46 0.83
CA THR A 256 -0.85 -15.54 -0.22
C THR A 256 -1.72 -15.64 -1.46
N LYS A 257 -1.34 -14.86 -2.47
CA LYS A 257 -2.01 -14.83 -3.77
C LYS A 257 -0.90 -14.48 -4.77
N ALA A 258 -0.03 -15.45 -5.00
CA ALA A 258 1.14 -15.35 -5.89
C ALA A 258 0.99 -14.61 -7.22
N ASP A 259 -0.18 -14.70 -7.85
CA ASP A 259 -0.36 -14.05 -9.15
C ASP A 259 -0.36 -12.52 -9.07
N THR A 260 -0.17 -11.97 -7.88
CA THR A 260 -0.13 -10.50 -7.71
C THR A 260 1.32 -10.02 -7.59
N LEU A 261 2.27 -10.95 -7.64
CA LEU A 261 3.68 -10.62 -7.52
C LEU A 261 4.57 -11.20 -8.61
N ASP A 262 4.03 -11.42 -9.80
CA ASP A 262 4.85 -11.99 -10.87
C ASP A 262 6.18 -11.25 -11.08
N ALA A 263 6.12 -9.93 -11.23
CA ALA A 263 7.32 -9.13 -11.44
C ALA A 263 8.34 -9.33 -10.31
N VAL A 264 7.86 -9.32 -9.06
CA VAL A 264 8.73 -9.51 -7.91
C VAL A 264 9.33 -10.91 -7.88
N ILE A 265 8.48 -11.92 -7.98
CA ILE A 265 8.94 -13.29 -7.96
C ILE A 265 9.98 -13.56 -9.04
N ASP A 266 9.76 -13.03 -10.24
CA ASP A 266 10.71 -13.23 -11.32
C ASP A 266 12.05 -12.53 -11.09
N LYS A 267 12.02 -11.39 -10.40
CA LYS A 267 13.29 -10.72 -10.12
C LYS A 267 14.03 -11.50 -9.05
N LEU A 268 13.29 -12.07 -8.11
CA LEU A 268 13.90 -12.87 -7.05
C LEU A 268 14.57 -14.09 -7.65
N ARG A 269 13.93 -14.71 -8.63
CA ARG A 269 14.49 -15.87 -9.32
C ARG A 269 15.71 -15.42 -10.11
N GLU A 270 15.62 -14.24 -10.71
CA GLU A 270 16.75 -13.72 -11.47
C GLU A 270 17.93 -13.51 -10.52
N ALA A 271 17.63 -13.17 -9.27
CA ALA A 271 18.66 -12.93 -8.27
C ALA A 271 19.33 -14.23 -7.79
N GLY A 272 18.84 -15.38 -8.28
CA GLY A 272 19.43 -16.64 -7.87
C GLY A 272 18.62 -17.41 -6.85
N ALA A 273 17.38 -17.01 -6.64
CA ALA A 273 16.53 -17.68 -5.66
C ALA A 273 15.56 -18.67 -6.30
N GLN A 274 15.12 -19.62 -5.49
CA GLN A 274 14.17 -20.63 -5.93
C GLN A 274 12.89 -20.32 -5.19
N VAL A 275 11.81 -20.07 -5.93
CA VAL A 275 10.55 -19.78 -5.27
C VAL A 275 9.48 -20.68 -5.84
N ASP A 276 8.69 -21.27 -4.97
CA ASP A 276 7.62 -22.16 -5.40
C ASP A 276 6.29 -21.57 -4.97
N VAL A 277 5.37 -21.47 -5.92
CA VAL A 277 4.07 -20.91 -5.63
C VAL A 277 2.95 -21.93 -5.64
N THR A 278 2.18 -21.94 -4.57
CA THR A 278 1.02 -22.81 -4.45
C THR A 278 -0.13 -21.82 -4.40
N GLU A 279 -1.37 -22.30 -4.47
CA GLU A 279 -2.49 -21.38 -4.44
C GLU A 279 -2.59 -20.55 -3.15
N ASN A 280 -2.02 -21.05 -2.07
CA ASN A 280 -2.12 -20.32 -0.81
C ASN A 280 -0.82 -20.03 -0.09
N SER A 281 0.30 -20.24 -0.78
CA SER A 281 1.58 -19.95 -0.15
C SER A 281 2.67 -19.73 -1.19
N ILE A 282 3.73 -19.07 -0.77
CA ILE A 282 4.86 -18.79 -1.63
C ILE A 282 6.09 -19.05 -0.77
N THR A 283 6.99 -19.90 -1.27
CA THR A 283 8.20 -20.24 -0.55
C THR A 283 9.42 -19.74 -1.30
N LEU A 284 10.39 -19.19 -0.57
CA LEU A 284 11.61 -18.73 -1.21
C LEU A 284 12.77 -19.35 -0.47
N ASP A 285 13.59 -20.06 -1.22
CA ASP A 285 14.75 -20.73 -0.67
C ASP A 285 15.93 -20.08 -1.36
N MET A 286 16.73 -19.34 -0.60
CA MET A 286 17.89 -18.68 -1.19
C MET A 286 19.00 -19.69 -1.33
N LEU A 287 18.87 -20.81 -0.60
CA LEU A 287 19.83 -21.91 -0.65
C LEU A 287 21.18 -21.57 -0.01
N GLY A 288 21.18 -20.67 0.96
CA GLY A 288 22.44 -20.29 1.58
C GLY A 288 23.34 -19.67 0.52
N ASN A 289 22.74 -18.94 -0.41
CA ASN A 289 23.49 -18.29 -1.47
C ASN A 289 23.38 -16.78 -1.40
N ARG A 290 24.44 -16.10 -1.82
CA ARG A 290 24.44 -14.66 -1.87
C ARG A 290 23.68 -14.34 -3.15
N PRO A 291 22.80 -13.34 -3.14
CA PRO A 291 22.06 -13.02 -4.36
C PRO A 291 22.89 -12.39 -5.48
N LYS A 292 22.37 -12.46 -6.69
CA LYS A 292 23.03 -11.88 -7.85
C LYS A 292 22.33 -10.55 -8.11
N ALA A 293 23.12 -9.52 -8.41
CA ALA A 293 22.56 -8.21 -8.67
C ALA A 293 21.63 -8.26 -9.86
N VAL A 294 20.51 -7.54 -9.77
CA VAL A 294 19.55 -7.48 -10.85
C VAL A 294 19.10 -6.04 -11.02
N ASN A 295 18.78 -5.67 -12.25
CA ASN A 295 18.33 -4.32 -12.53
C ASN A 295 16.87 -4.21 -12.12
N ILE A 296 16.48 -3.02 -11.70
CA ILE A 296 15.10 -2.78 -11.31
C ILE A 296 14.58 -1.52 -11.97
N ARG A 297 13.31 -1.57 -12.36
CA ARG A 297 12.65 -0.43 -12.98
C ARG A 297 11.21 -0.48 -12.48
N THR A 298 10.89 0.43 -11.56
CA THR A 298 9.54 0.48 -11.03
C THR A 298 8.58 0.94 -12.11
N ALA A 299 7.34 0.45 -12.04
CA ALA A 299 6.32 0.79 -13.02
C ALA A 299 4.97 0.36 -12.45
N PRO A 300 3.87 0.92 -13.01
CA PRO A 300 2.53 0.58 -12.56
C PRO A 300 2.29 -0.92 -12.74
N HIS A 301 1.43 -1.51 -11.91
CA HIS A 301 1.13 -2.93 -11.99
C HIS A 301 0.70 -3.21 -13.43
N PRO A 302 1.05 -4.39 -13.98
CA PRO A 302 1.80 -5.51 -13.40
C PRO A 302 3.33 -5.43 -13.45
N GLY A 303 3.88 -4.24 -13.63
CA GLY A 303 5.33 -4.08 -13.64
C GLY A 303 5.87 -4.17 -12.22
N PHE A 304 7.16 -3.90 -12.04
CA PHE A 304 7.74 -3.98 -10.71
C PHE A 304 7.20 -2.85 -9.81
N PRO A 305 6.58 -3.22 -8.67
CA PRO A 305 6.02 -2.24 -7.74
C PRO A 305 7.00 -1.31 -7.03
N THR A 306 6.69 -0.02 -7.04
CA THR A 306 7.53 0.97 -6.39
C THR A 306 7.58 0.68 -4.90
N ASP A 307 6.53 0.04 -4.38
CA ASP A 307 6.49 -0.29 -2.95
C ASP A 307 7.43 -1.43 -2.55
N MET A 308 8.15 -1.98 -3.52
CA MET A 308 9.13 -3.05 -3.21
C MET A 308 10.55 -2.55 -3.53
N GLN A 309 10.63 -1.34 -4.06
CA GLN A 309 11.91 -0.75 -4.48
C GLN A 309 12.99 -0.65 -3.41
N ALA A 310 12.62 -0.19 -2.22
CA ALA A 310 13.59 -0.08 -1.14
C ALA A 310 14.08 -1.46 -0.73
N GLN A 311 13.16 -2.42 -0.69
CA GLN A 311 13.48 -3.80 -0.32
C GLN A 311 14.48 -4.40 -1.30
N PHE A 312 14.31 -4.10 -2.59
CA PHE A 312 15.24 -4.61 -3.58
C PHE A 312 16.54 -3.83 -3.62
N THR A 313 16.54 -2.61 -3.08
CA THR A 313 17.78 -1.84 -3.05
C THR A 313 18.67 -2.57 -2.05
N LEU A 314 18.07 -3.04 -0.96
CA LEU A 314 18.80 -3.76 0.08
C LEU A 314 19.35 -5.08 -0.48
N LEU A 315 18.53 -5.78 -1.26
CA LEU A 315 18.94 -7.06 -1.85
C LEU A 315 20.14 -6.87 -2.76
N ASN A 316 20.09 -5.84 -3.60
CA ASN A 316 21.18 -5.55 -4.52
C ASN A 316 22.45 -5.06 -3.82
N MET A 317 22.30 -4.42 -2.66
CA MET A 317 23.46 -3.93 -1.94
C MET A 317 24.27 -5.04 -1.29
N VAL A 318 23.65 -6.21 -1.10
CA VAL A 318 24.38 -7.32 -0.51
C VAL A 318 24.60 -8.40 -1.57
N ALA A 319 24.09 -8.13 -2.76
CA ALA A 319 24.22 -9.05 -3.87
C ALA A 319 25.63 -9.00 -4.44
N GLU A 320 25.86 -9.82 -5.46
CA GLU A 320 27.16 -9.87 -6.11
C GLU A 320 27.03 -9.19 -7.46
N GLY A 321 27.75 -8.08 -7.64
CA GLY A 321 27.68 -7.39 -8.90
C GLY A 321 27.08 -5.99 -8.83
N THR A 322 27.02 -5.35 -9.98
CA THR A 322 26.48 -4.01 -10.08
C THR A 322 25.03 -4.05 -10.55
N SER A 323 24.23 -3.11 -10.05
CA SER A 323 22.82 -3.06 -10.40
C SER A 323 22.34 -1.64 -10.70
N ILE A 324 21.34 -1.54 -11.55
CA ILE A 324 20.74 -0.26 -11.92
C ILE A 324 19.29 -0.27 -11.45
N ILE A 325 18.98 0.61 -10.50
CA ILE A 325 17.62 0.68 -9.98
C ILE A 325 17.00 1.99 -10.43
N THR A 326 15.96 1.90 -11.25
CA THR A 326 15.29 3.09 -11.77
C THR A 326 13.88 3.27 -11.21
N GLU A 327 13.69 4.33 -10.43
CA GLU A 327 12.40 4.65 -9.82
C GLU A 327 11.66 5.65 -10.70
N THR A 328 10.62 5.19 -11.38
CA THR A 328 9.84 6.04 -12.27
C THR A 328 8.55 6.59 -11.70
N ILE A 329 8.15 6.15 -10.52
CA ILE A 329 6.91 6.63 -9.94
C ILE A 329 7.04 7.91 -9.12
N PHE A 330 7.94 7.91 -8.15
CA PHE A 330 8.15 9.08 -7.30
C PHE A 330 9.53 9.65 -7.51
N GLU A 331 9.71 10.93 -7.19
CA GLU A 331 10.99 11.58 -7.42
C GLU A 331 12.01 11.64 -6.29
N ASN A 332 11.62 11.25 -5.08
CA ASN A 332 12.58 11.29 -3.97
C ASN A 332 12.42 10.03 -3.12
N ARG A 333 12.37 8.87 -3.77
CA ARG A 333 12.22 7.64 -3.03
C ARG A 333 13.50 6.84 -2.93
N PHE A 334 14.58 7.53 -2.56
CA PHE A 334 15.87 6.88 -2.37
C PHE A 334 16.45 7.32 -1.03
N MET A 335 15.60 7.85 -0.15
CA MET A 335 16.07 8.29 1.16
C MET A 335 16.65 7.16 2.00
N HIS A 336 16.36 5.93 1.60
CA HIS A 336 16.86 4.76 2.31
C HIS A 336 18.32 4.47 1.97
N ILE A 337 18.75 4.89 0.78
CA ILE A 337 20.12 4.64 0.34
C ILE A 337 21.18 5.23 1.28
N PRO A 338 21.09 6.53 1.59
CA PRO A 338 22.13 7.04 2.50
C PRO A 338 22.14 6.30 3.83
N GLU A 339 20.97 5.94 4.35
CA GLU A 339 20.89 5.23 5.61
C GLU A 339 21.57 3.87 5.44
N LEU A 340 21.30 3.21 4.32
CA LEU A 340 21.91 1.91 4.05
C LEU A 340 23.41 2.04 3.85
N ILE A 341 23.83 3.17 3.28
CA ILE A 341 25.26 3.40 3.06
C ILE A 341 25.95 3.54 4.41
N ARG A 342 25.24 4.09 5.39
CA ARG A 342 25.80 4.23 6.72
C ARG A 342 26.13 2.83 7.23
N MET A 343 25.35 1.86 6.76
CA MET A 343 25.52 0.46 7.15
C MET A 343 26.52 -0.32 6.31
N GLY A 344 27.15 0.34 5.34
CA GLY A 344 28.14 -0.34 4.52
C GLY A 344 27.74 -0.54 3.07
N GLY A 345 26.50 -0.22 2.72
CA GLY A 345 26.07 -0.39 1.35
C GLY A 345 26.75 0.62 0.45
N LYS A 346 26.70 0.40 -0.86
CA LYS A 346 27.33 1.32 -1.82
C LYS A 346 26.42 1.61 -3.01
N ALA A 347 26.07 2.88 -3.18
CA ALA A 347 25.21 3.27 -4.29
C ALA A 347 25.52 4.68 -4.74
N GLU A 348 25.44 4.90 -6.05
CA GLU A 348 25.68 6.21 -6.62
C GLU A 348 24.34 6.66 -7.19
N ILE A 349 23.87 7.81 -6.76
CA ILE A 349 22.58 8.31 -7.22
C ILE A 349 22.71 9.39 -8.29
N GLU A 350 21.83 9.30 -9.27
CA GLU A 350 21.78 10.27 -10.35
C GLU A 350 20.36 10.27 -10.89
N GLY A 351 19.66 11.38 -10.66
CA GLY A 351 18.28 11.47 -11.12
C GLY A 351 17.43 10.44 -10.41
N ASN A 352 16.64 9.71 -11.19
CA ASN A 352 15.77 8.68 -10.66
C ASN A 352 16.44 7.31 -10.77
N THR A 353 17.77 7.31 -10.84
CA THR A 353 18.50 6.06 -10.98
C THR A 353 19.60 5.91 -9.96
N ALA A 354 19.67 4.71 -9.36
CA ALA A 354 20.69 4.40 -8.38
C ALA A 354 21.48 3.22 -8.90
N VAL A 355 22.79 3.38 -8.96
CA VAL A 355 23.67 2.31 -9.43
C VAL A 355 24.32 1.74 -8.19
N CYS A 356 23.91 0.53 -7.81
CA CYS A 356 24.43 -0.10 -6.62
C CYS A 356 25.56 -1.08 -6.90
N HIS A 357 26.45 -1.21 -5.93
CA HIS A 357 27.61 -2.10 -6.02
C HIS A 357 27.56 -3.00 -4.78
N GLY A 358 27.09 -4.23 -4.99
CA GLY A 358 26.94 -5.17 -3.90
C GLY A 358 28.17 -5.50 -3.10
N VAL A 359 27.99 -5.65 -1.79
CA VAL A 359 29.07 -5.99 -0.88
C VAL A 359 28.69 -7.29 -0.16
N GLU A 360 29.67 -7.94 0.44
CA GLU A 360 29.45 -9.20 1.13
C GLU A 360 28.78 -9.10 2.49
N GLN A 361 29.07 -8.02 3.22
CA GLN A 361 28.52 -7.90 4.56
C GLN A 361 28.29 -6.45 4.99
N LEU A 362 27.13 -6.20 5.60
CA LEU A 362 26.81 -4.87 6.09
C LEU A 362 27.25 -4.79 7.55
N SER A 363 27.35 -3.58 8.09
CA SER A 363 27.76 -3.41 9.46
C SER A 363 26.71 -2.64 10.25
N GLY A 364 26.41 -3.13 11.45
CA GLY A 364 25.41 -2.50 12.27
C GLY A 364 25.76 -1.12 12.81
N THR A 365 24.76 -0.25 12.86
CA THR A 365 24.93 1.10 13.38
C THR A 365 23.56 1.76 13.52
N GLU A 366 23.55 3.05 13.85
CA GLU A 366 22.32 3.78 14.02
C GLU A 366 21.85 4.35 12.69
N VAL A 367 20.56 4.20 12.41
CA VAL A 367 19.97 4.71 11.19
C VAL A 367 18.59 5.27 11.50
N ILE A 368 18.06 6.06 10.58
CA ILE A 368 16.77 6.69 10.76
C ILE A 368 15.76 6.34 9.68
N ALA A 369 14.60 5.84 10.10
CA ALA A 369 13.54 5.48 9.16
C ALA A 369 12.96 6.77 8.61
N THR A 370 12.94 6.89 7.29
CA THR A 370 12.43 8.09 6.62
C THR A 370 11.02 7.93 6.06
N ASP A 371 10.63 6.69 5.78
CA ASP A 371 9.31 6.41 5.23
C ASP A 371 8.92 4.95 5.49
N LEU A 372 7.69 4.58 5.13
CA LEU A 372 7.18 3.23 5.36
C LEU A 372 8.00 2.06 4.82
N ARG A 373 8.23 2.04 3.51
CA ARG A 373 8.97 0.95 2.93
C ARG A 373 10.46 1.01 3.27
N ALA A 374 10.97 2.21 3.52
CA ALA A 374 12.37 2.35 3.88
C ALA A 374 12.59 1.81 5.30
N SER A 375 11.63 2.06 6.18
CA SER A 375 11.76 1.60 7.57
C SER A 375 11.95 0.10 7.69
N ILE A 376 11.16 -0.68 6.96
CA ILE A 376 11.28 -2.13 7.03
C ILE A 376 12.61 -2.56 6.40
N SER A 377 13.03 -1.87 5.34
CA SER A 377 14.29 -2.21 4.71
C SER A 377 15.47 -2.06 5.69
N LEU A 378 15.41 -1.04 6.54
CA LEU A 378 16.47 -0.80 7.52
C LEU A 378 16.46 -1.85 8.62
N VAL A 379 15.26 -2.27 9.02
CA VAL A 379 15.15 -3.30 10.04
C VAL A 379 15.72 -4.60 9.49
N LEU A 380 15.35 -4.93 8.25
CA LEU A 380 15.86 -6.13 7.60
C LEU A 380 17.38 -6.05 7.46
N ALA A 381 17.90 -4.88 7.11
CA ALA A 381 19.33 -4.69 6.96
C ALA A 381 19.99 -4.98 8.32
N GLY A 382 19.34 -4.52 9.38
CA GLY A 382 19.86 -4.74 10.71
C GLY A 382 19.95 -6.21 11.05
N CYS A 383 19.03 -7.01 10.51
CA CYS A 383 19.00 -8.45 10.78
C CYS A 383 20.22 -9.17 10.22
N ILE A 384 20.73 -8.71 9.07
CA ILE A 384 21.87 -9.36 8.44
C ILE A 384 23.20 -8.63 8.59
N ALA A 385 23.20 -7.50 9.27
CA ALA A 385 24.43 -6.73 9.47
C ALA A 385 25.18 -7.30 10.68
N THR A 386 26.49 -7.07 10.74
CA THR A 386 27.26 -7.56 11.87
C THR A 386 26.99 -6.65 13.06
N GLY A 387 27.07 -7.22 14.25
CA GLY A 387 26.85 -6.43 15.44
C GLY A 387 25.41 -6.00 15.69
N GLU A 388 25.26 -4.79 16.22
CA GLU A 388 23.94 -4.26 16.55
C GLU A 388 23.52 -3.08 15.68
N THR A 389 22.21 -2.99 15.42
CA THR A 389 21.65 -1.90 14.63
C THR A 389 20.49 -1.28 15.38
N ILE A 390 20.42 0.05 15.35
CA ILE A 390 19.34 0.77 16.00
C ILE A 390 18.60 1.59 14.94
N VAL A 391 17.30 1.38 14.84
CA VAL A 391 16.49 2.10 13.86
C VAL A 391 15.55 3.06 14.58
N ASP A 392 15.71 4.36 14.30
CA ASP A 392 14.88 5.39 14.92
C ASP A 392 13.62 5.62 14.11
N ARG A 393 12.72 6.46 14.63
CA ARG A 393 11.46 6.79 13.98
C ARG A 393 10.81 5.53 13.41
N ILE A 394 10.89 4.44 14.16
CA ILE A 394 10.35 3.18 13.73
C ILE A 394 8.82 3.20 13.67
N TYR A 395 8.21 4.35 14.02
CA TYR A 395 6.76 4.43 13.98
C TYR A 395 6.25 4.29 12.55
N HIS A 396 7.14 4.49 11.59
CA HIS A 396 6.79 4.37 10.17
C HIS A 396 6.30 2.97 9.79
N ILE A 397 6.96 1.93 10.32
CA ILE A 397 6.58 0.56 10.01
C ILE A 397 5.14 0.24 10.38
N ASP A 398 4.70 0.74 11.53
CA ASP A 398 3.35 0.47 12.01
C ASP A 398 2.25 1.00 11.09
N ARG A 399 2.63 1.63 9.98
CA ARG A 399 1.66 2.15 9.02
C ARG A 399 1.27 1.07 8.01
N GLY A 400 2.15 0.09 7.80
CA GLY A 400 1.88 -0.96 6.84
C GLY A 400 2.28 -2.37 7.23
N TYR A 401 2.87 -2.55 8.41
CA TYR A 401 3.26 -3.89 8.84
C TYR A 401 2.69 -4.26 10.21
N GLU A 402 1.72 -5.17 10.19
CA GLU A 402 1.05 -5.67 11.37
C GLU A 402 2.02 -6.53 12.19
N HIS A 403 2.05 -6.33 13.49
CA HIS A 403 2.93 -7.09 14.38
C HIS A 403 4.23 -7.48 13.71
N ILE A 404 4.92 -6.52 13.12
CA ILE A 404 6.16 -6.81 12.42
C ILE A 404 7.25 -7.41 13.33
N GLU A 405 7.23 -7.03 14.60
CA GLU A 405 8.21 -7.54 15.55
C GLU A 405 8.08 -9.04 15.78
N ASP A 406 6.85 -9.49 15.99
CA ASP A 406 6.60 -10.91 16.22
C ASP A 406 6.86 -11.71 14.95
N LYS A 407 6.43 -11.19 13.81
CA LYS A 407 6.64 -11.89 12.55
C LYS A 407 8.11 -12.10 12.24
N LEU A 408 8.92 -11.06 12.37
CA LEU A 408 10.35 -11.18 12.09
C LEU A 408 11.02 -12.06 13.13
N ARG A 409 10.63 -11.89 14.38
CA ARG A 409 11.16 -12.66 15.49
C ARG A 409 10.83 -14.14 15.21
N GLY A 410 9.69 -14.35 14.56
CA GLY A 410 9.27 -15.70 14.22
C GLY A 410 10.12 -16.28 13.10
N LEU A 411 10.94 -15.44 12.48
CA LEU A 411 11.80 -15.91 11.40
C LEU A 411 13.26 -15.96 11.83
N GLY A 412 13.48 -15.86 13.14
CA GLY A 412 14.83 -15.93 13.68
C GLY A 412 15.49 -14.61 14.00
N ALA A 413 14.76 -13.51 13.83
CA ALA A 413 15.30 -12.19 14.11
C ALA A 413 15.31 -11.87 15.59
N LYS A 414 16.35 -11.19 16.04
CA LYS A 414 16.44 -10.79 17.44
C LYS A 414 16.25 -9.28 17.44
N ILE A 415 15.05 -8.84 17.79
CA ILE A 415 14.73 -7.42 17.78
C ILE A 415 13.96 -6.98 19.03
N GLU A 416 14.41 -5.88 19.64
CA GLU A 416 13.79 -5.34 20.84
C GLU A 416 13.27 -3.92 20.62
N ARG A 417 12.01 -3.69 20.96
CA ARG A 417 11.39 -2.37 20.78
C ARG A 417 11.54 -1.56 22.06
N PHE A 418 12.37 -0.53 22.02
CA PHE A 418 12.58 0.31 23.19
C PHE A 418 12.27 1.77 22.90
N SER A 419 12.14 2.56 23.96
CA SER A 419 11.85 3.98 23.82
C SER A 419 13.08 4.79 24.18
N GLY A 420 13.56 5.60 23.24
CA GLY A 420 14.75 6.41 23.49
C GLY A 420 14.58 7.39 24.64
#